data_7HG2
#
_entry.id   7HG2
#
_cell.length_a   41.561
_cell.length_b   42.068
_cell.length_c   158.698
_cell.angle_alpha   90.00
_cell.angle_beta   90.00
_cell.angle_gamma   90.00
#
_symmetry.space_group_name_H-M   'P 21 21 21'
#
loop_
_entity.id
_entity.type
_entity.pdbx_description
1 polymer 'Hepatoma-derived growth factor-related protein 2'
2 non-polymer 'SULFATE ION'
3 non-polymer 1,2-ETHANEDIOL
4 non-polymer (5~{R})-7-pyrazin-2-yl-2-oxa-7-azaspiro[4.4]nonane
5 non-polymer (5S)-7-(pyrazin-2-yl)-2-oxa-7-azaspiro[4.4]nonane
6 water water
#
_entity_poly.entity_id   1
_entity_poly.type   'polypeptide(L)'
_entity_poly.pdbx_seq_one_letter_code
;GMPHAFKPGDLVFAKMKGYPHWPARIDDIADGAVKPPPNKYPIFFFGTHETAFLGPKDLFPYDKSKDKYGKPNKRKGFNE
GLWEIQNNPHASYS
;
_entity_poly.pdbx_strand_id   A,B,C
#
loop_
_chem_comp.id
_chem_comp.type
_chem_comp.name
_chem_comp.formula
A1H97 non-polymer (5~{R})-7-pyrazin-2-yl-2-oxa-7-azaspiro[4.4]nonane 'C11 H15 N3 O'
EDO non-polymer 1,2-ETHANEDIOL 'C2 H6 O2'
SO4 non-polymer 'SULFATE ION' 'O4 S -2'
U0S non-polymer (5S)-7-(pyrazin-2-yl)-2-oxa-7-azaspiro[4.4]nonane 'C11 H15 N3 O'
#
# COMPACT_ATOMS: atom_id res chain seq x y z
N MET A 2 14.26 22.25 -10.38
CA MET A 2 15.32 21.54 -9.62
C MET A 2 14.70 20.63 -8.57
N PRO A 3 15.32 19.47 -8.25
CA PRO A 3 14.84 18.53 -7.23
C PRO A 3 14.57 19.09 -5.83
N HIS A 4 13.54 18.54 -5.17
CA HIS A 4 13.29 18.84 -3.77
C HIS A 4 13.86 17.69 -2.97
N ALA A 5 13.68 17.74 -1.64
CA ALA A 5 13.90 16.59 -0.80
C ALA A 5 12.81 15.55 -1.08
N PHE A 6 13.09 14.29 -0.70
CA PHE A 6 12.07 13.26 -0.84
C PHE A 6 10.90 13.55 0.10
N LYS A 7 9.69 13.22 -0.37
CA LYS A 7 8.52 13.38 0.48
C LYS A 7 7.59 12.16 0.32
N PRO A 8 6.72 11.88 1.30
CA PRO A 8 5.75 10.77 1.21
C PRO A 8 4.99 10.87 -0.12
N GLY A 9 4.85 9.71 -0.79
CA GLY A 9 4.12 9.64 -2.04
C GLY A 9 5.09 9.56 -3.23
N ASP A 10 6.35 9.97 -3.01
CA ASP A 10 7.30 9.91 -4.12
C ASP A 10 7.54 8.47 -4.56
N LEU A 11 7.70 8.23 -5.88
CA LEU A 11 7.89 6.87 -6.40
C LEU A 11 9.36 6.72 -6.78
N VAL A 12 9.93 5.57 -6.43
CA VAL A 12 11.35 5.32 -6.63
C VAL A 12 11.60 3.88 -7.04
N PHE A 13 12.84 3.59 -7.48
CA PHE A 13 13.36 2.25 -7.33
C PHE A 13 14.27 2.32 -6.11
N ALA A 14 14.12 1.36 -5.18
CA ALA A 14 14.89 1.39 -3.94
C ALA A 14 15.88 0.21 -3.98
N LYS A 15 17.12 0.49 -3.53
CA LYS A 15 18.18 -0.50 -3.68
C LYS A 15 18.56 -1.02 -2.29
N MET A 16 18.46 -2.33 -2.13
CA MET A 16 19.02 -2.99 -0.96
C MET A 16 20.06 -4.02 -1.39
N LYS A 17 21.11 -4.16 -0.58
CA LYS A 17 22.16 -5.14 -0.78
C LYS A 17 21.54 -6.49 -1.15
N GLY A 18 21.99 -7.07 -2.27
CA GLY A 18 21.55 -8.41 -2.61
C GLY A 18 20.22 -8.44 -3.36
N TYR A 19 19.59 -7.27 -3.60
CA TYR A 19 18.38 -7.30 -4.40
C TYR A 19 18.48 -6.31 -5.55
N PRO A 20 17.77 -6.56 -6.66
CA PRO A 20 17.78 -5.60 -7.78
C PRO A 20 17.06 -4.32 -7.31
N HIS A 21 17.36 -3.19 -7.95
CA HIS A 21 16.65 -1.94 -7.73
C HIS A 21 15.15 -2.24 -7.83
N TRP A 22 14.35 -1.83 -6.83
CA TRP A 22 13.02 -2.42 -6.63
C TRP A 22 11.95 -1.34 -6.62
N PRO A 23 10.83 -1.50 -7.37
CA PRO A 23 9.78 -0.48 -7.38
C PRO A 23 9.24 -0.25 -5.97
N ALA A 24 9.16 1.01 -5.57
CA ALA A 24 8.84 1.33 -4.18
C ALA A 24 8.29 2.75 -4.06
N ARG A 25 7.75 3.09 -2.88
CA ARG A 25 7.32 4.45 -2.64
C ARG A 25 7.85 4.89 -1.28
N ILE A 26 7.94 6.22 -1.12
CA ILE A 26 8.17 6.80 0.22
C ILE A 26 6.82 6.82 0.92
N ASP A 27 6.72 6.15 2.07
CA ASP A 27 5.44 6.08 2.78
C ASP A 27 5.31 7.23 3.77
N ASP A 28 4.05 7.48 4.18
CA ASP A 28 3.79 8.30 5.33
C ASP A 28 4.03 7.45 6.57
N ILE A 29 4.23 8.10 7.71
CA ILE A 29 4.21 7.38 8.99
C ILE A 29 2.84 7.66 9.60
N ALA A 30 2.08 6.61 9.92
CA ALA A 30 0.74 6.79 10.50
C ALA A 30 0.89 7.31 11.94
N ASP A 31 -0.11 8.09 12.38
CA ASP A 31 -0.18 8.46 13.79
C ASP A 31 -0.05 7.19 14.61
N GLY A 32 0.84 7.22 15.61
CA GLY A 32 1.00 6.13 16.55
C GLY A 32 2.00 5.08 16.06
N ALA A 33 2.43 5.20 14.80
CA ALA A 33 3.30 4.19 14.21
C ALA A 33 4.77 4.49 14.54
N VAL A 34 5.61 3.47 14.38
CA VAL A 34 7.05 3.57 14.65
C VAL A 34 7.72 4.47 13.61
N LYS A 35 8.46 5.47 14.10
CA LYS A 35 9.20 6.42 13.28
C LYS A 35 10.50 5.79 12.77
N PRO A 36 11.01 6.21 11.58
CA PRO A 36 12.28 5.70 11.06
C PRO A 36 13.39 6.31 11.90
N PRO A 37 14.63 5.79 11.81
CA PRO A 37 15.78 6.47 12.41
C PRO A 37 16.01 7.80 11.71
N PRO A 38 16.81 8.70 12.31
CA PRO A 38 17.21 9.95 11.68
C PRO A 38 17.81 9.71 10.29
N ASN A 39 17.46 10.60 9.38
CA ASN A 39 17.98 10.63 8.02
C ASN A 39 17.45 9.48 7.18
N LYS A 40 16.55 8.64 7.74
CA LYS A 40 16.02 7.50 6.98
C LYS A 40 14.55 7.75 6.61
N TYR A 41 14.12 7.14 5.51
CA TYR A 41 12.72 7.28 5.09
C TYR A 41 12.07 5.93 5.18
N PRO A 42 10.74 5.82 5.46
CA PRO A 42 10.06 4.53 5.38
C PRO A 42 9.76 4.17 3.93
N ILE A 43 10.32 3.06 3.46
CA ILE A 43 10.17 2.70 2.06
C ILE A 43 9.19 1.52 2.00
N PHE A 44 8.13 1.67 1.18
CA PHE A 44 7.24 0.55 0.98
C PHE A 44 7.53 -0.06 -0.39
N PHE A 45 7.87 -1.36 -0.42
CA PHE A 45 8.30 -2.03 -1.64
C PHE A 45 7.04 -2.60 -2.26
N PHE A 46 6.76 -2.19 -3.50
CA PHE A 46 5.61 -2.79 -4.19
C PHE A 46 5.86 -4.28 -4.46
N GLY A 47 4.76 -5.02 -4.62
CA GLY A 47 4.82 -6.45 -4.93
C GLY A 47 5.06 -7.29 -3.67
N THR A 48 6.18 -7.07 -2.94
CA THR A 48 6.42 -7.80 -1.69
C THR A 48 5.57 -7.21 -0.56
N HIS A 49 5.31 -5.91 -0.68
CA HIS A 49 4.61 -5.12 0.33
C HIS A 49 5.38 -5.04 1.66
N GLU A 50 6.71 -5.18 1.62
CA GLU A 50 7.57 -5.01 2.79
C GLU A 50 7.98 -3.55 2.97
N THR A 51 8.35 -3.18 4.21
CA THR A 51 8.84 -1.85 4.52
C THR A 51 10.30 -1.97 4.98
N ALA A 52 11.16 -1.06 4.49
CA ALA A 52 12.45 -0.90 5.13
C ALA A 52 12.76 0.58 5.26
N PHE A 53 13.78 0.88 6.06
CA PHE A 53 14.16 2.26 6.26
C PHE A 53 15.44 2.50 5.47
N LEU A 54 15.40 3.47 4.55
CA LEU A 54 16.54 3.72 3.69
C LEU A 54 16.84 5.21 3.59
N GLY A 55 18.12 5.53 3.29
CA GLY A 55 18.49 6.92 3.03
C GLY A 55 18.53 7.17 1.51
N PRO A 56 18.62 8.46 1.11
CA PRO A 56 18.59 8.88 -0.30
C PRO A 56 19.63 8.23 -1.20
N LYS A 57 20.74 7.73 -0.62
CA LYS A 57 21.73 7.10 -1.49
C LYS A 57 21.20 5.85 -2.18
N ASP A 58 20.14 5.26 -1.60
CA ASP A 58 19.59 4.03 -2.11
C ASP A 58 18.25 4.28 -2.82
N LEU A 59 17.91 5.55 -3.08
CA LEU A 59 16.59 5.88 -3.65
C LEU A 59 16.78 6.54 -5.02
N PHE A 60 16.24 5.92 -6.07
CA PHE A 60 16.38 6.47 -7.43
C PHE A 60 14.99 6.89 -7.92
N PRO A 61 14.74 8.17 -8.22
CA PRO A 61 13.40 8.59 -8.69
C PRO A 61 12.90 7.78 -9.89
N TYR A 62 11.62 7.38 -9.81
CA TYR A 62 11.06 6.36 -10.71
C TYR A 62 11.07 6.86 -12.17
N ASP A 63 10.60 8.08 -12.42
CA ASP A 63 10.48 8.60 -13.78
C ASP A 63 11.84 8.53 -14.50
N LYS A 64 12.89 9.04 -13.84
CA LYS A 64 14.23 9.04 -14.41
C LYS A 64 14.78 7.63 -14.63
N SER A 65 14.44 6.67 -13.73
CA SER A 65 15.14 5.40 -13.66
C SER A 65 14.37 4.27 -14.33
N LYS A 66 13.13 4.50 -14.75
CA LYS A 66 12.30 3.36 -15.14
C LYS A 66 12.79 2.67 -16.41
N ASP A 67 13.41 3.43 -17.32
N ASP A 67 13.40 3.43 -17.33
CA ASP A 67 13.94 2.86 -18.55
CA ASP A 67 13.94 2.81 -18.54
C ASP A 67 15.03 1.84 -18.22
C ASP A 67 14.94 1.74 -18.13
N LYS A 68 15.78 2.07 -17.15
CA LYS A 68 16.86 1.19 -16.76
C LYS A 68 16.39 0.04 -15.88
N TYR A 69 15.47 0.31 -14.96
CA TYR A 69 15.24 -0.63 -13.87
C TYR A 69 13.87 -1.30 -13.97
N GLY A 70 13.00 -0.77 -14.83
CA GLY A 70 11.60 -1.23 -14.83
C GLY A 70 11.38 -2.33 -15.87
N LYS A 71 12.12 -3.42 -15.73
CA LYS A 71 12.00 -4.56 -16.63
C LYS A 71 11.70 -5.78 -15.76
N PRO A 72 10.98 -6.79 -16.30
CA PRO A 72 10.65 -7.97 -15.51
C PRO A 72 11.88 -8.64 -14.92
N ASN A 73 11.70 -9.26 -13.76
CA ASN A 73 12.77 -9.85 -12.98
C ASN A 73 12.21 -11.15 -12.41
N LYS A 74 13.09 -12.13 -12.22
CA LYS A 74 12.69 -13.44 -11.75
C LYS A 74 12.24 -13.38 -10.29
N ARG A 75 12.74 -12.40 -9.53
CA ARG A 75 12.58 -12.39 -8.08
C ARG A 75 11.11 -12.27 -7.67
N LYS A 76 10.80 -12.86 -6.50
CA LYS A 76 9.42 -13.00 -6.02
C LYS A 76 8.84 -11.62 -5.74
N GLY A 77 7.69 -11.34 -6.35
CA GLY A 77 6.97 -10.10 -6.05
C GLY A 77 7.37 -8.97 -7.00
N PHE A 78 8.44 -9.13 -7.78
CA PHE A 78 8.94 -8.01 -8.56
C PHE A 78 7.95 -7.54 -9.62
N ASN A 79 7.43 -8.49 -10.41
CA ASN A 79 6.64 -8.15 -11.57
C ASN A 79 5.29 -7.58 -11.10
N GLU A 80 4.77 -8.16 -10.01
CA GLU A 80 3.60 -7.57 -9.34
C GLU A 80 3.93 -6.13 -8.95
N GLY A 81 5.14 -5.96 -8.38
CA GLY A 81 5.58 -4.61 -8.02
C GLY A 81 5.59 -3.63 -9.20
N LEU A 82 6.04 -4.09 -10.38
CA LEU A 82 6.07 -3.18 -11.51
C LEU A 82 4.64 -2.78 -11.90
N TRP A 83 3.69 -3.70 -11.73
CA TRP A 83 2.32 -3.38 -12.11
C TRP A 83 1.80 -2.33 -11.15
N GLU A 84 2.11 -2.50 -9.86
CA GLU A 84 1.61 -1.59 -8.84
C GLU A 84 2.11 -0.17 -9.07
N ILE A 85 3.41 -0.03 -9.32
CA ILE A 85 3.98 1.30 -9.37
C ILE A 85 3.42 2.05 -10.60
N GLN A 86 3.10 1.28 -11.66
CA GLN A 86 2.67 1.87 -12.91
C GLN A 86 1.17 2.13 -12.87
N ASN A 87 0.42 1.26 -12.15
CA ASN A 87 -1.05 1.23 -12.31
C ASN A 87 -1.81 1.76 -11.09
N ASN A 88 -1.28 1.60 -9.85
CA ASN A 88 -1.98 2.17 -8.70
C ASN A 88 -0.97 2.42 -7.56
N PRO A 89 0.00 3.33 -7.76
CA PRO A 89 1.13 3.46 -6.84
C PRO A 89 0.77 4.09 -5.50
N HIS A 90 -0.43 4.69 -5.40
CA HIS A 90 -0.85 5.41 -4.18
C HIS A 90 -1.96 4.67 -3.42
N ALA A 91 -2.26 3.42 -3.82
CA ALA A 91 -3.33 2.66 -3.20
C ALA A 91 -2.91 2.14 -1.84
N SER A 92 -3.92 1.76 -1.05
CA SER A 92 -3.69 1.00 0.17
C SER A 92 -3.39 -0.47 -0.18
N TYR A 93 -2.22 -0.95 0.27
CA TYR A 93 -1.83 -2.33 0.03
C TYR A 93 -1.83 -3.10 1.35
N SER A 94 -2.47 -2.52 2.37
CA SER A 94 -2.75 -3.25 3.60
C SER A 94 -3.61 -4.48 3.26
N MET B 2 -25.23 13.47 34.72
CA MET B 2 -24.89 12.64 35.90
C MET B 2 -23.36 12.50 35.98
N PRO B 3 -22.73 12.87 37.13
CA PRO B 3 -21.28 12.67 37.31
C PRO B 3 -20.92 11.19 37.14
N HIS B 4 -19.72 10.91 36.59
CA HIS B 4 -19.33 9.52 36.37
C HIS B 4 -17.97 9.27 37.04
N ALA B 5 -17.51 8.01 37.02
CA ALA B 5 -16.22 7.71 37.63
C ALA B 5 -15.20 8.67 37.03
N PHE B 6 -15.26 8.80 35.70
CA PHE B 6 -14.43 9.75 34.97
C PHE B 6 -15.26 10.95 34.51
N LYS B 7 -14.69 12.16 34.69
CA LYS B 7 -15.35 13.38 34.29
C LYS B 7 -14.54 14.07 33.18
N PRO B 8 -15.20 14.91 32.35
CA PRO B 8 -14.52 15.69 31.31
C PRO B 8 -13.38 16.47 31.91
N GLY B 9 -12.21 16.39 31.26
CA GLY B 9 -11.01 17.09 31.68
C GLY B 9 -10.07 16.19 32.48
N ASP B 10 -10.56 15.00 32.90
CA ASP B 10 -9.70 14.05 33.61
C ASP B 10 -8.57 13.59 32.68
N LEU B 11 -7.37 13.48 33.21
CA LEU B 11 -6.24 13.12 32.36
C LEU B 11 -5.91 11.65 32.62
N VAL B 12 -5.55 10.95 31.53
CA VAL B 12 -5.40 9.50 31.61
C VAL B 12 -4.25 9.09 30.68
N PHE B 13 -3.84 7.83 30.82
CA PHE B 13 -3.29 7.12 29.69
C PHE B 13 -4.36 6.15 29.21
N ALA B 14 -4.54 6.08 27.87
CA ALA B 14 -5.59 5.31 27.24
C ALA B 14 -4.96 4.23 26.36
N LYS B 15 -5.45 3.01 26.50
CA LYS B 15 -4.78 1.85 25.90
C LYS B 15 -5.61 1.35 24.73
N MET B 16 -4.95 1.26 23.58
CA MET B 16 -5.57 0.69 22.39
C MET B 16 -4.68 -0.46 21.89
N LYS B 17 -5.32 -1.49 21.37
CA LYS B 17 -4.58 -2.63 20.82
C LYS B 17 -3.61 -2.12 19.75
N GLY B 18 -2.35 -2.52 19.84
CA GLY B 18 -1.34 -2.12 18.88
C GLY B 18 -0.46 -0.96 19.33
N TYR B 19 -0.82 -0.31 20.45
CA TYR B 19 -0.16 0.95 20.79
C TYR B 19 0.15 0.96 22.29
N PRO B 20 1.20 1.68 22.72
CA PRO B 20 1.49 1.83 24.14
C PRO B 20 0.39 2.66 24.80
N HIS B 21 0.16 2.46 26.11
CA HIS B 21 -0.68 3.37 26.92
C HIS B 21 -0.40 4.83 26.55
N TRP B 22 -1.45 5.58 26.18
CA TRP B 22 -1.19 6.81 25.43
C TRP B 22 -1.73 8.02 26.20
N PRO B 23 -0.96 9.14 26.37
CA PRO B 23 -1.44 10.32 27.11
C PRO B 23 -2.72 10.84 26.47
N ALA B 24 -3.76 11.07 27.29
CA ALA B 24 -5.06 11.39 26.72
C ALA B 24 -5.93 12.07 27.78
N ARG B 25 -7.12 12.49 27.33
CA ARG B 25 -8.07 13.11 28.25
C ARG B 25 -9.47 12.62 27.92
N ILE B 26 -10.35 12.71 28.93
CA ILE B 26 -11.78 12.52 28.75
C ILE B 26 -12.31 13.86 28.25
N ASP B 27 -13.00 13.80 27.13
CA ASP B 27 -13.67 14.94 26.54
C ASP B 27 -15.15 14.99 26.96
N ASP B 28 -15.77 16.17 26.79
N ASP B 28 -15.80 16.16 26.81
CA ASP B 28 -17.22 16.35 26.85
CA ASP B 28 -17.24 16.29 26.96
C ASP B 28 -17.86 15.65 25.65
C ASP B 28 -17.91 15.88 25.64
N ILE B 29 -19.18 15.48 25.70
CA ILE B 29 -19.89 14.86 24.58
C ILE B 29 -20.33 15.92 23.55
N VAL B 34 -22.94 12.14 17.80
CA VAL B 34 -22.67 10.74 18.23
C VAL B 34 -22.35 10.78 19.72
N LYS B 35 -23.20 10.14 20.55
CA LYS B 35 -22.90 9.95 21.96
C LYS B 35 -22.11 8.65 22.13
N PRO B 36 -21.23 8.50 23.16
CA PRO B 36 -20.44 7.28 23.33
C PRO B 36 -21.34 6.06 23.45
N PRO B 37 -20.91 4.85 23.02
CA PRO B 37 -21.68 3.65 23.29
C PRO B 37 -21.76 3.51 24.82
N PRO B 38 -22.68 2.68 25.36
CA PRO B 38 -22.81 2.53 26.81
C PRO B 38 -21.51 2.06 27.50
N ASN B 39 -21.23 2.62 28.69
CA ASN B 39 -20.05 2.28 29.49
C ASN B 39 -18.76 2.90 28.94
N LYS B 40 -18.83 3.58 27.79
CA LYS B 40 -17.63 4.12 27.16
C LYS B 40 -17.57 5.64 27.28
N TYR B 41 -16.36 6.20 27.19
CA TYR B 41 -16.18 7.64 27.24
C TYR B 41 -15.55 8.16 25.95
N PRO B 42 -15.79 9.44 25.57
CA PRO B 42 -15.04 10.06 24.47
C PRO B 42 -13.62 10.37 24.93
N ILE B 43 -12.63 9.78 24.24
CA ILE B 43 -11.22 9.99 24.53
C ILE B 43 -10.58 10.90 23.49
N PHE B 44 -9.71 11.82 23.92
CA PHE B 44 -8.89 12.61 23.01
C PHE B 44 -7.43 12.29 23.28
N PHE B 45 -6.72 11.77 22.25
CA PHE B 45 -5.31 11.45 22.40
C PHE B 45 -4.47 12.68 22.12
N PHE B 46 -3.62 13.04 23.09
CA PHE B 46 -2.68 14.11 22.87
C PHE B 46 -1.63 13.70 21.83
N GLY B 47 -1.00 14.68 21.18
CA GLY B 47 0.00 14.37 20.17
C GLY B 47 -0.64 14.10 18.82
N THR B 48 -1.39 13.00 18.70
CA THR B 48 -2.05 12.64 17.45
C THR B 48 -3.29 13.49 17.26
N HIS B 49 -3.88 13.90 18.38
CA HIS B 49 -5.15 14.62 18.40
C HIS B 49 -6.25 13.76 17.81
N GLU B 50 -6.12 12.43 17.84
CA GLU B 50 -7.22 11.60 17.39
C GLU B 50 -8.19 11.38 18.55
N THR B 51 -9.32 10.73 18.26
CA THR B 51 -10.36 10.45 19.24
C THR B 51 -10.79 8.99 19.11
N ALA B 52 -11.33 8.44 20.21
CA ALA B 52 -11.96 7.14 20.17
C ALA B 52 -12.95 7.06 21.32
N PHE B 53 -13.70 5.95 21.35
CA PHE B 53 -14.52 5.63 22.51
C PHE B 53 -13.89 4.45 23.25
N LEU B 54 -13.60 4.62 24.56
CA LEU B 54 -13.04 3.53 25.35
C LEU B 54 -13.78 3.37 26.69
N GLY B 55 -13.76 2.14 27.21
CA GLY B 55 -14.30 1.84 28.52
C GLY B 55 -13.22 1.97 29.59
N PRO B 56 -13.59 1.96 30.89
CA PRO B 56 -12.64 2.07 31.99
C PRO B 56 -11.46 1.10 32.02
N LYS B 57 -11.63 -0.10 31.46
CA LYS B 57 -10.59 -1.13 31.57
C LYS B 57 -9.33 -0.61 30.86
N ASP B 58 -9.52 0.34 29.94
CA ASP B 58 -8.45 0.81 29.08
C ASP B 58 -8.02 2.22 29.47
N LEU B 59 -8.52 2.70 30.63
CA LEU B 59 -8.27 4.06 31.07
C LEU B 59 -7.55 4.09 32.42
N PHE B 60 -6.38 4.71 32.44
CA PHE B 60 -5.48 4.68 33.58
C PHE B 60 -5.32 6.12 34.06
N PRO B 61 -5.88 6.51 35.25
CA PRO B 61 -5.63 7.86 35.79
C PRO B 61 -4.16 8.31 35.67
N TYR B 62 -3.97 9.54 35.17
CA TYR B 62 -2.66 10.02 34.78
C TYR B 62 -1.69 10.15 35.95
N ASP B 63 -2.15 10.74 37.07
CA ASP B 63 -1.30 10.93 38.24
C ASP B 63 -0.74 9.61 38.76
N LYS B 64 -1.64 8.64 38.98
CA LYS B 64 -1.28 7.29 39.40
C LYS B 64 -0.23 6.64 38.50
N SER B 65 -0.29 6.87 37.18
CA SER B 65 0.38 5.95 36.27
C SER B 65 1.49 6.62 35.45
N LYS B 66 1.75 7.91 35.69
CA LYS B 66 2.66 8.64 34.82
C LYS B 66 4.08 8.10 34.89
N ASP B 67 4.54 7.56 36.02
CA ASP B 67 5.95 7.22 35.97
C ASP B 67 6.11 5.84 35.33
N LYS B 68 5.00 5.11 35.25
CA LYS B 68 5.02 3.83 34.55
C LYS B 68 4.89 4.08 33.04
N TYR B 69 3.90 4.91 32.63
CA TYR B 69 3.54 4.94 31.22
C TYR B 69 4.07 6.19 30.52
N GLY B 70 4.60 7.14 31.31
CA GLY B 70 4.92 8.45 30.76
C GLY B 70 6.36 8.57 30.23
N LYS B 71 6.95 7.48 29.70
CA LYS B 71 8.31 7.54 29.20
C LYS B 71 8.26 7.79 27.70
N PRO B 72 9.21 8.58 27.15
CA PRO B 72 9.23 8.83 25.70
C PRO B 72 9.47 7.54 24.93
N ASN B 73 8.92 7.46 23.70
CA ASN B 73 9.21 6.34 22.82
C ASN B 73 9.25 6.85 21.37
N LYS B 74 9.31 5.93 20.42
CA LYS B 74 9.50 6.29 19.00
C LYS B 74 8.18 6.18 18.21
N ARG B 75 7.03 6.11 18.89
CA ARG B 75 5.76 6.18 18.18
C ARG B 75 5.46 7.64 17.80
N LYS B 76 5.01 7.85 16.54
CA LYS B 76 4.74 9.19 16.03
C LYS B 76 3.61 9.83 16.85
N GLY B 77 3.91 11.03 17.38
CA GLY B 77 2.94 11.82 18.14
C GLY B 77 3.04 11.57 19.64
N PHE B 78 3.74 10.51 20.06
CA PHE B 78 3.81 10.22 21.50
C PHE B 78 4.52 11.29 22.31
N ASN B 79 5.73 11.67 21.92
CA ASN B 79 6.45 12.64 22.75
C ASN B 79 5.74 13.99 22.71
N GLU B 80 5.14 14.34 21.57
CA GLU B 80 4.34 15.55 21.52
C GLU B 80 3.19 15.44 22.53
N GLY B 81 2.58 14.26 22.61
CA GLY B 81 1.43 14.02 23.50
C GLY B 81 1.88 14.15 24.95
N LEU B 82 3.09 13.68 25.24
CA LEU B 82 3.63 13.84 26.58
C LEU B 82 3.77 15.33 26.89
N TRP B 83 4.22 16.13 25.92
CA TRP B 83 4.35 17.57 26.09
C TRP B 83 2.99 18.21 26.39
N GLU B 84 1.96 17.80 25.65
CA GLU B 84 0.64 18.39 25.75
C GLU B 84 0.02 18.09 27.12
N ILE B 85 0.13 16.84 27.59
CA ILE B 85 -0.61 16.46 28.79
C ILE B 85 0.00 17.17 30.00
N GLN B 86 1.30 17.44 29.89
CA GLN B 86 2.13 18.09 30.90
C GLN B 86 1.90 19.61 30.89
N ASN B 87 1.84 20.24 29.70
CA ASN B 87 1.97 21.69 29.62
C ASN B 87 0.66 22.41 29.29
N ASN B 88 -0.26 21.73 28.61
CA ASN B 88 -1.51 22.37 28.20
C ASN B 88 -2.62 21.34 27.95
N PRO B 89 -2.94 20.51 28.98
CA PRO B 89 -3.89 19.42 28.79
C PRO B 89 -5.32 19.82 28.45
N HIS B 90 -5.74 21.07 28.78
CA HIS B 90 -7.13 21.44 28.55
C HIS B 90 -7.29 22.37 27.36
N ALA B 91 -6.25 22.51 26.53
CA ALA B 91 -6.34 23.38 25.36
C ALA B 91 -7.31 22.86 24.29
N SER B 92 -7.72 23.77 23.39
CA SER B 92 -8.36 23.40 22.15
C SER B 92 -7.27 23.00 21.15
N TYR B 93 -7.38 21.78 20.62
CA TYR B 93 -6.47 21.20 19.63
C TYR B 93 -7.23 21.09 18.29
N SER B 94 -8.39 21.77 18.24
CA SER B 94 -9.25 21.92 17.08
C SER B 94 -8.45 22.12 15.79
N HIS C 4 -17.52 -8.58 -31.08
CA HIS C 4 -16.68 -7.67 -31.90
C HIS C 4 -16.11 -8.46 -33.07
N ALA C 5 -14.88 -8.12 -33.48
CA ALA C 5 -14.05 -8.95 -34.32
C ALA C 5 -12.57 -8.61 -34.10
N PHE C 6 -11.70 -9.55 -34.48
CA PHE C 6 -10.31 -9.53 -34.06
C PHE C 6 -9.41 -9.81 -35.25
N LYS C 7 -8.46 -8.90 -35.51
CA LYS C 7 -7.46 -9.10 -36.54
C LYS C 7 -6.18 -9.51 -35.82
N PRO C 8 -5.15 -10.03 -36.52
CA PRO C 8 -3.87 -10.32 -35.86
C PRO C 8 -3.35 -9.04 -35.20
N GLY C 9 -2.62 -9.21 -34.09
CA GLY C 9 -2.00 -8.10 -33.37
C GLY C 9 -2.88 -7.51 -32.28
N ASP C 10 -4.22 -7.67 -32.39
CA ASP C 10 -5.18 -7.16 -31.44
C ASP C 10 -4.88 -7.70 -30.04
N LEU C 11 -4.97 -6.81 -29.04
CA LEU C 11 -4.59 -7.14 -27.68
C LEU C 11 -5.84 -7.50 -26.90
N VAL C 12 -5.78 -8.58 -26.10
CA VAL C 12 -6.99 -9.10 -25.49
C VAL C 12 -6.63 -9.71 -24.12
N PHE C 13 -7.68 -10.01 -23.34
CA PHE C 13 -7.65 -11.03 -22.30
C PHE C 13 -8.36 -12.28 -22.83
N ALA C 14 -7.69 -13.44 -22.66
CA ALA C 14 -8.12 -14.70 -23.23
C ALA C 14 -8.43 -15.66 -22.09
N LYS C 15 -9.64 -16.23 -22.10
CA LYS C 15 -10.07 -17.05 -21.00
C LYS C 15 -10.05 -18.52 -21.41
N MET C 16 -9.29 -19.35 -20.69
CA MET C 16 -9.31 -20.79 -20.85
C MET C 16 -9.83 -21.42 -19.56
N LYS C 17 -10.47 -22.59 -19.68
CA LYS C 17 -10.93 -23.28 -18.48
C LYS C 17 -9.70 -23.60 -17.62
N GLY C 18 -9.78 -23.27 -16.33
CA GLY C 18 -8.70 -23.64 -15.42
C GLY C 18 -7.74 -22.46 -15.17
N TYR C 19 -8.00 -21.29 -15.78
CA TYR C 19 -7.04 -20.19 -15.79
C TYR C 19 -7.81 -18.90 -15.70
N PRO C 20 -7.26 -17.86 -15.01
CA PRO C 20 -7.89 -16.55 -14.99
C PRO C 20 -7.80 -15.95 -16.40
N HIS C 21 -8.59 -14.90 -16.64
CA HIS C 21 -8.51 -14.13 -17.87
C HIS C 21 -7.06 -13.67 -18.04
N TRP C 22 -6.45 -14.05 -19.19
CA TRP C 22 -5.01 -13.94 -19.35
C TRP C 22 -4.66 -12.89 -20.40
N PRO C 23 -3.66 -12.00 -20.15
CA PRO C 23 -3.22 -11.05 -21.16
C PRO C 23 -2.58 -11.79 -22.34
N ALA C 24 -3.00 -11.41 -23.55
CA ALA C 24 -2.66 -12.15 -24.76
C ALA C 24 -2.84 -11.24 -25.99
N ARG C 25 -2.48 -11.77 -27.16
CA ARG C 25 -2.89 -11.12 -28.39
C ARG C 25 -3.26 -12.18 -29.43
N ILE C 26 -4.04 -11.75 -30.42
CA ILE C 26 -4.34 -12.47 -31.65
C ILE C 26 -3.06 -12.54 -32.50
N ASP C 27 -2.63 -13.76 -32.80
CA ASP C 27 -1.61 -14.03 -33.80
C ASP C 27 -2.23 -14.18 -35.19
N ASP C 28 -1.40 -14.05 -36.24
CA ASP C 28 -1.77 -14.49 -37.58
C ASP C 28 -1.24 -15.91 -37.78
N ILE C 29 -1.97 -16.70 -38.59
CA ILE C 29 -1.60 -18.08 -38.89
C ILE C 29 -0.80 -18.08 -40.19
N ALA C 30 0.29 -18.85 -40.23
CA ALA C 30 1.18 -18.94 -41.38
C ALA C 30 0.54 -19.72 -42.53
N LYS C 35 -4.37 -25.46 -39.81
CA LYS C 35 -5.27 -24.28 -39.78
C LYS C 35 -6.06 -24.32 -38.46
N PRO C 36 -6.62 -23.18 -37.98
CA PRO C 36 -7.40 -23.20 -36.74
C PRO C 36 -8.58 -24.16 -36.83
N PRO C 37 -9.08 -24.73 -35.71
CA PRO C 37 -10.42 -25.34 -35.74
C PRO C 37 -11.43 -24.29 -36.19
N PRO C 38 -12.60 -24.70 -36.72
CA PRO C 38 -13.61 -23.75 -37.19
C PRO C 38 -13.88 -22.68 -36.15
N ASN C 39 -13.76 -21.42 -36.60
CA ASN C 39 -14.15 -20.24 -35.86
C ASN C 39 -13.24 -20.03 -34.63
N LYS C 40 -11.99 -20.48 -34.70
CA LYS C 40 -11.07 -20.26 -33.59
C LYS C 40 -9.90 -19.40 -34.01
N TYR C 41 -9.42 -18.55 -33.08
CA TYR C 41 -8.29 -17.66 -33.34
C TYR C 41 -7.05 -18.23 -32.70
N PRO C 42 -5.86 -18.04 -33.32
CA PRO C 42 -4.60 -18.43 -32.69
C PRO C 42 -4.31 -17.28 -31.73
N ILE C 43 -4.10 -17.68 -30.49
CA ILE C 43 -3.84 -16.75 -29.40
C ILE C 43 -2.40 -16.97 -28.96
N PHE C 44 -1.71 -15.88 -28.60
CA PHE C 44 -0.42 -16.00 -27.95
C PHE C 44 -0.57 -15.36 -26.57
N PHE C 45 -0.13 -16.06 -25.54
CA PHE C 45 -0.29 -15.63 -24.17
C PHE C 45 0.98 -14.93 -23.69
N PHE C 46 0.82 -13.70 -23.21
CA PHE C 46 1.96 -13.00 -22.61
C PHE C 46 2.41 -13.67 -21.32
N GLY C 47 3.70 -13.50 -20.98
CA GLY C 47 4.21 -14.06 -19.72
C GLY C 47 4.62 -15.52 -19.87
N THR C 48 3.67 -16.38 -20.24
CA THR C 48 4.01 -17.77 -20.48
C THR C 48 4.57 -17.93 -21.89
N HIS C 49 4.18 -17.04 -22.82
CA HIS C 49 4.52 -17.16 -24.24
C HIS C 49 4.08 -18.49 -24.84
N GLU C 50 2.92 -19.00 -24.42
CA GLU C 50 2.36 -20.21 -24.99
C GLU C 50 1.28 -19.82 -26.00
N THR C 51 0.78 -20.82 -26.76
CA THR C 51 -0.24 -20.55 -27.76
C THR C 51 -1.39 -21.54 -27.56
N ALA C 52 -2.57 -21.14 -28.04
CA ALA C 52 -3.75 -21.99 -28.09
C ALA C 52 -4.70 -21.43 -29.14
N PHE C 53 -5.77 -22.18 -29.45
CA PHE C 53 -6.84 -21.69 -30.31
C PHE C 53 -8.06 -21.45 -29.45
N LEU C 54 -8.70 -20.28 -29.58
CA LEU C 54 -9.84 -19.93 -28.75
C LEU C 54 -10.91 -19.30 -29.63
N GLY C 55 -12.16 -19.53 -29.26
CA GLY C 55 -13.26 -18.84 -29.89
C GLY C 55 -13.49 -17.44 -29.32
N PRO C 56 -14.31 -16.64 -30.04
CA PRO C 56 -14.44 -15.22 -29.73
C PRO C 56 -15.15 -15.01 -28.40
N LYS C 57 -15.93 -16.01 -28.00
CA LYS C 57 -16.58 -16.04 -26.69
C LYS C 57 -15.55 -15.86 -25.57
N ASP C 58 -14.29 -16.24 -25.85
CA ASP C 58 -13.29 -16.43 -24.81
C ASP C 58 -12.32 -15.25 -24.78
N LEU C 59 -12.60 -14.25 -25.63
CA LEU C 59 -11.65 -13.17 -25.87
C LEU C 59 -12.30 -11.84 -25.50
N PHE C 60 -11.48 -10.92 -24.95
CA PHE C 60 -11.94 -9.62 -24.48
C PHE C 60 -10.95 -8.54 -24.92
N PRO C 61 -11.37 -7.49 -25.67
CA PRO C 61 -10.41 -6.47 -26.14
C PRO C 61 -9.80 -5.83 -24.90
N TYR C 62 -8.46 -5.65 -24.98
CA TYR C 62 -7.57 -5.30 -23.87
C TYR C 62 -7.96 -3.94 -23.27
N ASP C 63 -8.23 -2.96 -24.15
CA ASP C 63 -8.51 -1.60 -23.68
C ASP C 63 -9.87 -1.53 -23.01
N LYS C 64 -10.81 -2.35 -23.46
CA LYS C 64 -12.16 -2.29 -22.93
C LYS C 64 -12.23 -3.03 -21.60
N SER C 65 -11.33 -4.02 -21.39
CA SER C 65 -11.56 -4.92 -20.26
C SER C 65 -10.44 -4.85 -19.22
N LYS C 66 -9.40 -4.06 -19.49
CA LYS C 66 -8.22 -4.08 -18.62
C LYS C 66 -8.56 -3.60 -17.21
N ASP C 67 -9.56 -2.72 -17.06
CA ASP C 67 -9.98 -2.25 -15.73
C ASP C 67 -10.45 -3.43 -14.89
N LYS C 68 -11.00 -4.47 -15.54
CA LYS C 68 -11.54 -5.61 -14.82
C LYS C 68 -10.54 -6.77 -14.72
N TYR C 69 -9.78 -7.06 -15.80
CA TYR C 69 -8.95 -8.26 -15.78
C TYR C 69 -7.47 -7.93 -15.55
N GLY C 70 -7.10 -6.65 -15.72
CA GLY C 70 -5.69 -6.28 -15.68
C GLY C 70 -5.31 -5.94 -14.24
N LYS C 71 -5.18 -6.99 -13.44
CA LYS C 71 -4.86 -6.87 -12.02
C LYS C 71 -4.03 -8.09 -11.71
N PRO C 72 -3.03 -7.97 -10.81
CA PRO C 72 -2.11 -9.07 -10.61
C PRO C 72 -2.76 -10.33 -10.03
N ASN C 73 -2.11 -11.45 -10.25
CA ASN C 73 -2.43 -12.64 -9.48
C ASN C 73 -1.17 -13.50 -9.46
N LYS C 74 -1.25 -14.62 -8.74
CA LYS C 74 -0.04 -15.36 -8.39
C LYS C 74 0.21 -16.51 -9.37
N ARG C 75 -0.64 -16.66 -10.41
CA ARG C 75 -0.42 -17.75 -11.35
C ARG C 75 0.87 -17.51 -12.14
N LYS C 76 1.55 -18.61 -12.47
CA LYS C 76 2.86 -18.58 -13.11
C LYS C 76 2.82 -17.76 -14.41
N GLY C 77 3.70 -16.75 -14.47
CA GLY C 77 3.90 -16.01 -15.71
C GLY C 77 2.90 -14.85 -15.83
N PHE C 78 1.92 -14.76 -14.91
CA PHE C 78 0.83 -13.82 -15.10
C PHE C 78 1.33 -12.37 -15.08
N ASN C 79 2.11 -12.06 -14.03
CA ASN C 79 2.39 -10.66 -13.76
C ASN C 79 3.40 -10.19 -14.79
N GLU C 80 4.26 -11.10 -15.21
CA GLU C 80 5.16 -10.74 -16.30
C GLU C 80 4.35 -10.52 -17.57
N GLY C 81 3.28 -11.32 -17.76
CA GLY C 81 2.38 -11.10 -18.88
C GLY C 81 1.74 -9.71 -18.87
N LEU C 82 1.28 -9.26 -17.69
CA LEU C 82 0.69 -7.92 -17.57
C LEU C 82 1.71 -6.84 -17.95
N TRP C 83 2.98 -7.05 -17.57
CA TRP C 83 4.01 -6.08 -17.96
C TRP C 83 4.14 -6.01 -19.49
N GLU C 84 4.17 -7.19 -20.12
CA GLU C 84 4.35 -7.26 -21.57
C GLU C 84 3.21 -6.60 -22.33
N ILE C 85 1.96 -6.83 -21.88
CA ILE C 85 0.83 -6.34 -22.65
C ILE C 85 0.73 -4.82 -22.60
N GLN C 86 1.16 -4.23 -21.48
CA GLN C 86 1.18 -2.79 -21.30
C GLN C 86 2.44 -2.15 -21.91
N ASN C 87 3.59 -2.81 -21.82
CA ASN C 87 4.87 -2.15 -22.07
C ASN C 87 5.55 -2.64 -23.35
N ASN C 88 5.19 -3.82 -23.85
CA ASN C 88 5.92 -4.37 -25.01
C ASN C 88 5.03 -5.33 -25.78
N PRO C 89 3.82 -4.90 -26.24
CA PRO C 89 2.82 -5.82 -26.74
C PRO C 89 3.17 -6.54 -28.04
N HIS C 90 4.19 -6.03 -28.76
CA HIS C 90 4.51 -6.61 -30.06
C HIS C 90 5.99 -7.00 -30.21
N ALA C 91 6.70 -7.22 -29.10
CA ALA C 91 7.98 -7.93 -29.17
C ALA C 91 7.76 -9.35 -29.72
N SER C 92 8.83 -10.14 -29.79
CA SER C 92 8.85 -11.39 -30.54
C SER C 92 8.69 -12.62 -29.66
N TYR C 93 9.37 -12.63 -28.51
CA TYR C 93 9.24 -13.68 -27.50
C TYR C 93 9.36 -15.07 -28.14
S SO4 D . 13.51 -15.37 -4.63
O1 SO4 D . 12.98 -15.84 -3.38
O2 SO4 D . 13.60 -13.93 -4.60
O3 SO4 D . 14.82 -15.92 -4.85
O4 SO4 D . 12.63 -15.75 -5.70
S SO4 E . 24.13 -6.39 -5.11
O1 SO4 E . 24.29 -5.81 -3.81
O2 SO4 E . 23.85 -5.37 -6.09
O3 SO4 E . 25.35 -7.07 -5.46
O4 SO4 E . 23.05 -7.34 -5.09
C1 EDO F . 0.53 0.09 2.27
O1 EDO F . -0.67 0.81 1.98
C2 EDO F . 1.44 0.75 3.26
O2 EDO F . 1.82 2.06 2.86
C10 A1H97 G . 14.56 -6.34 1.57
C13 A1H97 G . 13.34 -9.94 1.79
C15 A1H97 G . 13.40 -10.59 3.96
C05 A1H97 G . 13.24 -6.30 -0.46
C06 A1H97 G . 14.41 -5.59 0.26
C07 A1H97 G . 13.56 -7.76 -0.13
C08 A1H97 G . 13.16 -5.98 -1.97
C09 A1H97 G . 11.88 -5.89 -0.04
C11 A1H97 G . 11.72 -6.24 -2.31
C12 A1H97 G . 13.88 -8.69 2.16
C14 A1H97 G . 13.96 -9.38 4.32
N02 A1H97 G . 14.00 -7.66 1.26
N03 A1H97 G . 14.20 -8.42 3.43
N04 A1H97 G . 13.09 -10.88 2.70
O01 A1H97 G . 11.01 -6.28 -1.08
S SO4 H . 5.76 -11.62 -9.43
O1 SO4 H . 5.01 -10.59 -8.79
O2 SO4 H . 6.03 -12.67 -8.46
O3 SO4 H . 5.01 -12.16 -10.55
O4 SO4 H . 7.02 -11.09 -9.90
S SO4 I . 6.46 13.37 18.11
O1 SO4 I . 5.42 13.24 19.07
O2 SO4 I . 7.75 13.16 18.74
O3 SO4 I . 6.35 12.40 17.02
O4 SO4 I . 6.34 14.73 17.58
S SO4 J . -0.62 -4.67 22.29
O1 SO4 J . -1.95 -4.32 21.90
O2 SO4 J . -0.69 -5.88 23.08
O3 SO4 J . 0.17 -4.89 21.12
O4 SO4 J . -0.03 -3.61 23.08
C10 U0S K . -2.71 7.70 19.67
C13 U0S K . -4.73 4.68 18.42
C01 U0S K . -6.79 1.29 15.32
C02 U0S K . -6.13 2.24 14.54
C04 U0S K . -5.69 3.50 16.40
C06 U0S K . -4.01 5.33 16.20
C07 U0S K . -3.01 5.80 17.24
C08 U0S K . -3.88 5.97 18.50
C09 U0S K . -3.00 6.22 19.74
C12 U0S K . -4.69 7.22 18.53
C14 U0S K . -6.43 2.57 17.18
N03 U0S K . -5.59 3.35 15.07
N05 U0S K . -4.90 4.47 16.98
N15 U0S K . -6.95 1.47 16.64
O11 U0S K . -3.75 8.25 18.85
C1 EDO L . -2.02 -19.83 -19.18
O1 EDO L . -1.08 -20.38 -18.28
C2 EDO L . -1.41 -18.91 -20.17
O2 EDO L . -0.47 -19.58 -20.95
S SO4 M . -14.33 -21.15 -14.83
O1 SO4 M . -15.64 -20.63 -14.51
O2 SO4 M . -13.32 -20.31 -14.23
O3 SO4 M . -14.19 -22.49 -14.32
O4 SO4 M . -14.16 -21.16 -16.25
#